data_7RM5
#
_entry.id   7RM5
#
_cell.length_a   40.005
_cell.length_b   180.540
_cell.length_c   139.670
_cell.angle_alpha   90.000
_cell.angle_beta   90.000
_cell.angle_gamma   90.000
#
_symmetry.space_group_name_H-M   'C 2 2 21'
#
loop_
_entity.id
_entity.type
_entity.pdbx_description
1 polymer 'Adenosine receptor A2a/Soluble cytochrome b562 chimera'
2 non-polymer 4-{2-[(7-amino-2-furan-2-yl[1,2,4]triazolo[1,5-a][1,3,5]triazin-5-yl)amino]ethyl}phenol
3 non-polymer CHOLESTEROL
4 non-polymer 'SODIUM ION'
5 water water
#
_entity_poly.entity_id   1
_entity_poly.type   'polypeptide(L)'
_entity_poly.pdbx_seq_one_letter_code
;MKTIIALSYIFCLVFADYKDDDDGAPPIMGSSVYITVELAIAVLAILGNVLVCWAVWLNSNLQNVTNYFVVSLAAADIAV
GVLAIPFAITISTGFCAACHGCLFIACFVLVLTQSSIFSLLAIAIDRYIAIRIPLRYNGLVTGTRAKGIIAICWVLSFAI
GLTPMLGWNNCGQPKEGKNHSQGCGEGQVACLFEDVVPMNYMVYFNFFACVLVPLLLMLGVYLRIFLAARRQLADLEDNW
ETLNDNLKVIEKADNAAQVKDALTKMRAAALDAQKATPPKLEDKSPDSPEMKDFRHGFDILVGQIDDALKLANEGKVKEA
QAAAEQLKTTRNAYIQKYLERARSTLQKEVHAAKSLAIIVGLFALCWLPLHIINCFTFFCPDCSHAPLWLMYLAIVLSHT
NSVVNPFIYAYRIREFRQTFRKIIRSHVLRQQEPFKAHHHHHHHHHH
;
_entity_poly.pdbx_strand_id   A
#
# COMPACT_ATOMS: atom_id res chain seq x y z
N GLY A 24 -32.95 -28.36 10.83
CA GLY A 24 -32.94 -29.80 10.77
C GLY A 24 -31.72 -30.43 11.42
N ALA A 25 -30.57 -30.29 10.75
CA ALA A 25 -29.34 -30.86 11.26
C ALA A 25 -28.93 -30.16 12.56
N PRO A 26 -28.27 -30.87 13.47
CA PRO A 26 -27.82 -30.25 14.73
C PRO A 26 -26.81 -29.16 14.46
N PRO A 27 -26.92 -28.01 15.14
CA PRO A 27 -25.99 -26.91 14.90
C PRO A 27 -24.55 -27.22 15.26
N ILE A 28 -24.28 -28.33 15.95
CA ILE A 28 -22.91 -28.69 16.26
C ILE A 28 -22.20 -29.21 15.02
N MET A 29 -22.92 -29.88 14.11
CA MET A 29 -22.31 -30.35 12.88
C MET A 29 -21.85 -29.19 12.00
N GLY A 30 -22.69 -28.16 11.86
CA GLY A 30 -22.32 -27.04 11.03
C GLY A 30 -21.22 -26.20 11.63
N SER A 31 -21.25 -25.99 12.95
CA SER A 31 -20.25 -25.17 13.61
C SER A 31 -18.91 -25.89 13.79
N SER A 32 -18.90 -27.22 13.76
CA SER A 32 -17.63 -27.94 13.81
C SER A 32 -16.79 -27.68 12.56
N VAL A 33 -17.44 -27.39 11.43
CA VAL A 33 -16.72 -27.02 10.22
C VAL A 33 -16.15 -25.61 10.37
N TYR A 34 -16.88 -24.73 11.05
CA TYR A 34 -16.44 -23.33 11.15
C TYR A 34 -15.24 -23.17 12.06
N ILE A 35 -15.26 -23.84 13.22
CA ILE A 35 -14.17 -23.69 14.18
C ILE A 35 -12.88 -24.29 13.62
N THR A 36 -12.99 -25.44 12.94
CA THR A 36 -11.81 -26.07 12.35
C THR A 36 -11.22 -25.22 11.24
N VAL A 37 -12.06 -24.50 10.50
CA VAL A 37 -11.56 -23.58 9.49
C VAL A 37 -11.02 -22.31 10.14
N GLU A 38 -11.63 -21.85 11.23
CA GLU A 38 -11.14 -20.66 11.91
C GLU A 38 -9.77 -20.91 12.54
N LEU A 39 -9.60 -22.07 13.19
CA LEU A 39 -8.32 -22.39 13.79
C LEU A 39 -7.24 -22.63 12.74
N ALA A 40 -7.62 -23.01 11.52
CA ALA A 40 -6.63 -23.17 10.46
C ALA A 40 -6.16 -21.82 9.94
N ILE A 41 -7.02 -20.81 9.97
CA ILE A 41 -6.61 -19.47 9.57
C ILE A 41 -5.74 -18.83 10.65
N ALA A 42 -6.06 -19.09 11.92
CA ALA A 42 -5.26 -18.55 13.02
C ALA A 42 -3.84 -19.12 13.02
N VAL A 43 -3.69 -20.38 12.59
CA VAL A 43 -2.36 -20.98 12.51
C VAL A 43 -1.52 -20.29 11.43
N LEU A 44 -2.12 -20.07 10.26
CA LEU A 44 -1.39 -19.46 9.15
C LEU A 44 -1.25 -17.95 9.29
N ALA A 45 -2.07 -17.31 10.12
CA ALA A 45 -1.94 -15.87 10.33
C ALA A 45 -0.81 -15.54 11.28
N ILE A 46 -0.54 -16.41 12.24
CA ILE A 46 0.57 -16.21 13.17
C ILE A 46 1.88 -16.72 12.61
N LEU A 47 1.84 -17.83 11.86
CA LEU A 47 3.06 -18.38 11.28
C LEU A 47 3.59 -17.51 10.15
N GLY A 48 2.70 -16.92 9.35
CA GLY A 48 3.14 -16.15 8.20
C GLY A 48 3.67 -14.79 8.59
N ASN A 49 2.91 -14.03 9.37
CA ASN A 49 3.29 -12.67 9.72
C ASN A 49 4.41 -12.62 10.77
N VAL A 50 4.73 -13.73 11.42
CA VAL A 50 5.88 -13.72 12.32
C VAL A 50 7.17 -13.83 11.52
N LEU A 51 7.11 -14.41 10.32
CA LEU A 51 8.29 -14.46 9.47
C LEU A 51 8.59 -13.11 8.84
N VAL A 52 7.54 -12.31 8.60
CA VAL A 52 7.73 -10.96 8.08
C VAL A 52 8.39 -10.08 9.14
N CYS A 53 7.83 -10.07 10.36
CA CYS A 53 8.40 -9.26 11.43
C CYS A 53 9.81 -9.72 11.80
N TRP A 54 10.09 -11.02 11.65
CA TRP A 54 11.42 -11.52 11.99
C TRP A 54 12.45 -11.10 10.95
N ALA A 55 12.05 -11.03 9.68
CA ALA A 55 12.99 -10.65 8.62
C ALA A 55 13.27 -9.15 8.62
N VAL A 56 12.29 -8.33 9.01
CA VAL A 56 12.50 -6.88 9.04
C VAL A 56 13.56 -6.52 10.07
N TRP A 57 13.67 -7.29 11.15
CA TRP A 57 14.69 -7.04 12.16
C TRP A 57 15.92 -7.94 12.02
N LEU A 58 15.86 -8.97 11.16
CA LEU A 58 17.03 -9.76 10.83
C LEU A 58 17.84 -9.15 9.69
N ASN A 59 17.18 -8.43 8.78
CA ASN A 59 17.83 -7.81 7.64
C ASN A 59 17.80 -6.29 7.78
N SER A 60 18.91 -5.65 7.42
CA SER A 60 19.02 -4.20 7.50
C SER A 60 18.58 -3.50 6.21
N ASN A 61 18.44 -4.23 5.10
CA ASN A 61 17.91 -3.64 3.88
C ASN A 61 16.40 -3.47 3.93
N LEU A 62 15.72 -4.13 4.86
CA LEU A 62 14.29 -4.00 5.03
C LEU A 62 13.91 -3.03 6.14
N GLN A 63 14.88 -2.29 6.67
CA GLN A 63 14.62 -1.32 7.74
C GLN A 63 14.52 0.09 7.19
N ASN A 64 13.54 0.28 6.30
CA ASN A 64 13.17 1.59 5.80
C ASN A 64 11.83 1.99 6.39
N VAL A 65 11.42 3.23 6.10
CA VAL A 65 10.17 3.75 6.66
C VAL A 65 8.97 3.01 6.08
N THR A 66 9.06 2.58 4.82
CA THR A 66 7.94 1.90 4.19
C THR A 66 7.60 0.59 4.90
N ASN A 67 8.62 -0.12 5.39
CA ASN A 67 8.41 -1.40 6.04
C ASN A 67 8.03 -1.27 7.52
N TYR A 68 8.12 -0.07 8.10
CA TYR A 68 7.57 0.12 9.44
C TYR A 68 6.05 0.02 9.43
N PHE A 69 5.41 0.47 8.35
CA PHE A 69 3.98 0.26 8.18
C PHE A 69 3.64 -1.16 7.76
N VAL A 70 4.60 -1.89 7.19
CA VAL A 70 4.39 -3.30 6.89
C VAL A 70 4.34 -4.12 8.18
N VAL A 71 5.19 -3.77 9.15
CA VAL A 71 5.19 -4.47 10.43
C VAL A 71 3.90 -4.20 11.19
N SER A 72 3.46 -2.94 11.21
CA SER A 72 2.20 -2.60 11.85
C SER A 72 1.03 -3.30 11.17
N LEU A 73 1.13 -3.53 9.86
CA LEU A 73 0.11 -4.32 9.16
C LEU A 73 0.17 -5.78 9.59
N ALA A 74 1.38 -6.34 9.71
CA ALA A 74 1.52 -7.73 10.14
C ALA A 74 1.22 -7.88 11.62
N ALA A 75 1.46 -6.84 12.42
CA ALA A 75 1.10 -6.90 13.83
C ALA A 75 -0.41 -6.90 14.02
N ALA A 76 -1.15 -6.32 13.07
CA ALA A 76 -2.61 -6.39 13.11
C ALA A 76 -3.14 -7.68 12.52
N ASP A 77 -2.34 -8.39 11.72
CA ASP A 77 -2.71 -9.70 11.22
C ASP A 77 -2.23 -10.84 12.11
N ILE A 78 -1.34 -10.55 13.06
CA ILE A 78 -1.04 -11.51 14.11
C ILE A 78 -2.12 -11.49 15.17
N ALA A 79 -2.66 -10.30 15.46
CA ALA A 79 -3.73 -10.19 16.44
C ALA A 79 -5.01 -10.88 15.99
N VAL A 80 -5.17 -11.11 14.68
CA VAL A 80 -6.33 -11.86 14.21
C VAL A 80 -6.27 -13.30 14.67
N GLY A 81 -5.10 -13.93 14.56
CA GLY A 81 -4.94 -15.30 15.00
C GLY A 81 -4.86 -15.48 16.50
N VAL A 82 -4.69 -14.40 17.26
CA VAL A 82 -4.57 -14.48 18.71
C VAL A 82 -5.86 -14.05 19.40
N LEU A 83 -6.53 -13.02 18.89
CA LEU A 83 -7.71 -12.47 19.54
C LEU A 83 -8.95 -12.49 18.66
N ALA A 84 -8.85 -12.01 17.42
CA ALA A 84 -10.04 -11.82 16.60
C ALA A 84 -10.73 -13.14 16.29
N ILE A 85 -9.97 -14.14 15.84
CA ILE A 85 -10.53 -15.44 15.50
C ILE A 85 -11.04 -16.15 16.75
N PRO A 86 -10.28 -16.20 17.87
CA PRO A 86 -10.87 -16.78 19.09
C PRO A 86 -12.12 -16.04 19.56
N PHE A 87 -12.15 -14.71 19.43
CA PHE A 87 -13.36 -13.98 19.78
C PHE A 87 -14.51 -14.30 18.83
N ALA A 88 -14.20 -14.41 17.52
CA ALA A 88 -15.24 -14.70 16.54
C ALA A 88 -15.87 -16.07 16.73
N ILE A 89 -15.17 -17.00 17.38
CA ILE A 89 -15.74 -18.31 17.65
C ILE A 89 -16.74 -18.23 18.81
N THR A 90 -16.39 -17.46 19.85
CA THR A 90 -17.24 -17.38 21.03
C THR A 90 -18.56 -16.69 20.71
N ILE A 91 -18.52 -15.61 19.92
CA ILE A 91 -19.74 -14.88 19.60
C ILE A 91 -20.67 -15.69 18.71
N SER A 92 -20.15 -16.69 18.00
CA SER A 92 -21.00 -17.52 17.16
C SER A 92 -21.92 -18.41 17.99
N THR A 93 -21.49 -18.82 19.19
CA THR A 93 -22.29 -19.71 20.00
C THR A 93 -23.47 -19.00 20.67
N GLY A 94 -23.46 -17.67 20.70
CA GLY A 94 -24.53 -16.91 21.33
C GLY A 94 -24.64 -17.13 22.82
N PHE A 95 -23.51 -17.18 23.52
CA PHE A 95 -23.52 -17.42 24.95
C PHE A 95 -24.06 -16.21 25.70
N CYS A 96 -24.31 -16.41 27.00
CA CYS A 96 -24.81 -15.32 27.84
C CYS A 96 -23.66 -14.44 28.31
N ALA A 97 -23.78 -13.14 28.08
CA ALA A 97 -22.75 -12.19 28.49
C ALA A 97 -23.39 -10.83 28.69
N ALA A 98 -22.70 -10.00 29.47
CA ALA A 98 -23.11 -8.60 29.62
C ALA A 98 -23.03 -7.91 28.27
N CYS A 99 -24.04 -7.08 27.98
CA CYS A 99 -24.12 -6.45 26.65
C CYS A 99 -22.98 -5.48 26.40
N HIS A 100 -22.27 -5.04 27.44
CA HIS A 100 -21.07 -4.23 27.27
C HIS A 100 -19.81 -5.08 27.14
N GLY A 101 -19.87 -6.36 27.49
CA GLY A 101 -18.76 -7.25 27.27
C GLY A 101 -18.88 -7.99 25.95
N CYS A 102 -20.12 -8.20 25.52
CA CYS A 102 -20.36 -8.80 24.20
C CYS A 102 -19.92 -7.87 23.08
N LEU A 103 -19.89 -6.56 23.34
CA LEU A 103 -19.46 -5.61 22.32
C LEU A 103 -17.97 -5.75 22.03
N PHE A 104 -17.15 -5.97 23.06
CA PHE A 104 -15.72 -6.07 22.86
C PHE A 104 -15.35 -7.28 22.02
N ILE A 105 -16.00 -8.43 22.29
CA ILE A 105 -15.77 -9.61 21.45
C ILE A 105 -16.22 -9.36 20.03
N ALA A 106 -17.26 -8.55 19.84
CA ALA A 106 -17.78 -8.30 18.50
C ALA A 106 -16.98 -7.23 17.76
N CYS A 107 -16.55 -6.18 18.46
CA CYS A 107 -16.01 -4.98 17.82
C CYS A 107 -14.49 -4.90 17.88
N PHE A 108 -13.80 -5.93 18.38
CA PHE A 108 -12.35 -5.88 18.40
C PHE A 108 -11.78 -6.05 16.99
N VAL A 109 -12.49 -6.74 16.11
CA VAL A 109 -12.04 -6.87 14.72
C VAL A 109 -12.09 -5.53 14.02
N LEU A 110 -13.11 -4.71 14.31
CA LEU A 110 -13.25 -3.41 13.66
C LEU A 110 -12.07 -2.50 14.00
N VAL A 111 -11.43 -2.71 15.15
CA VAL A 111 -10.21 -1.98 15.46
C VAL A 111 -9.05 -2.52 14.63
N LEU A 112 -9.00 -3.84 14.44
CA LEU A 112 -7.93 -4.43 13.65
C LEU A 112 -8.04 -4.05 12.18
N THR A 113 -9.25 -4.08 11.64
CA THR A 113 -9.45 -3.66 10.25
C THR A 113 -9.16 -2.18 10.07
N GLN A 114 -9.33 -1.38 11.13
CA GLN A 114 -9.07 0.04 11.03
C GLN A 114 -7.58 0.35 11.04
N SER A 115 -6.77 -0.49 11.69
CA SER A 115 -5.33 -0.28 11.69
C SER A 115 -4.72 -0.70 10.35
N SER A 116 -5.24 -1.78 9.75
CA SER A 116 -4.74 -2.22 8.45
C SER A 116 -5.06 -1.19 7.36
N ILE A 117 -6.18 -0.49 7.48
CA ILE A 117 -6.52 0.55 6.52
C ILE A 117 -5.61 1.76 6.70
N PHE A 118 -5.31 2.13 7.94
CA PHE A 118 -4.41 3.26 8.18
C PHE A 118 -2.98 2.94 7.79
N SER A 119 -2.56 1.68 7.91
CA SER A 119 -1.23 1.30 7.47
C SER A 119 -1.13 1.30 5.95
N LEU A 120 -2.13 0.74 5.27
CA LEU A 120 -2.14 0.75 3.81
C LEU A 120 -2.20 2.17 3.27
N LEU A 121 -2.92 3.06 3.96
CA LEU A 121 -2.99 4.44 3.52
C LEU A 121 -1.67 5.17 3.73
N ALA A 122 -0.89 4.76 4.74
CA ALA A 122 0.41 5.38 4.97
C ALA A 122 1.47 4.88 4.00
N ILE A 123 1.31 3.65 3.50
CA ILE A 123 2.26 3.13 2.51
C ILE A 123 2.05 3.83 1.17
N ALA A 124 0.80 4.12 0.81
CA ALA A 124 0.51 4.74 -0.47
C ALA A 124 1.10 6.14 -0.55
N ILE A 125 0.98 6.92 0.53
CA ILE A 125 1.53 8.26 0.52
C ILE A 125 3.06 8.23 0.66
N ASP A 126 3.61 7.20 1.32
CA ASP A 126 5.05 7.07 1.41
C ASP A 126 5.66 6.86 0.04
N ARG A 127 5.02 6.04 -0.81
CA ARG A 127 5.50 5.82 -2.16
C ARG A 127 5.21 6.99 -3.08
N TYR A 128 4.24 7.85 -2.74
CA TYR A 128 3.98 9.03 -3.54
C TYR A 128 4.98 10.14 -3.24
N ILE A 129 5.38 10.28 -1.98
CA ILE A 129 6.39 11.27 -1.63
C ILE A 129 7.73 10.90 -2.23
N ALA A 130 8.01 9.61 -2.39
CA ALA A 130 9.29 9.17 -2.95
C ALA A 130 9.32 9.29 -4.47
N ILE A 131 8.17 9.24 -5.13
CA ILE A 131 8.15 9.34 -6.59
C ILE A 131 8.00 10.78 -7.06
N ARG A 132 7.25 11.61 -6.33
CA ARG A 132 7.11 13.02 -6.71
C ARG A 132 8.27 13.85 -6.19
N ILE A 133 8.75 13.55 -4.99
CA ILE A 133 9.84 14.31 -4.38
C ILE A 133 10.95 13.35 -3.96
N PRO A 134 11.78 12.87 -4.88
CA PRO A 134 12.82 11.91 -4.50
C PRO A 134 14.01 12.53 -3.78
N LEU A 135 14.23 13.83 -3.92
CA LEU A 135 15.39 14.49 -3.31
C LEU A 135 15.12 15.01 -1.91
N ARG A 136 13.87 14.97 -1.43
CA ARG A 136 13.54 15.43 -0.10
C ARG A 136 12.88 14.35 0.74
N TYR A 137 12.88 13.09 0.27
CA TYR A 137 12.25 12.02 1.02
C TYR A 137 12.94 11.79 2.36
N ASN A 138 14.28 11.72 2.34
CA ASN A 138 15.04 11.46 3.56
C ASN A 138 14.91 12.59 4.58
N GLY A 139 14.31 13.72 4.21
CA GLY A 139 14.10 14.80 5.15
C GLY A 139 12.66 14.92 5.59
N LEU A 140 11.72 14.61 4.69
CA LEU A 140 10.30 14.69 5.04
C LEU A 140 9.84 13.43 5.77
N VAL A 141 10.24 12.25 5.29
CA VAL A 141 9.75 10.99 5.84
C VAL A 141 10.87 10.30 6.61
N THR A 142 10.95 10.55 7.91
CA THR A 142 11.96 9.97 8.76
C THR A 142 11.36 8.91 9.68
N GLY A 143 12.23 8.04 10.19
CA GLY A 143 11.75 6.92 11.01
C GLY A 143 11.13 7.37 12.32
N THR A 144 11.71 8.39 12.96
CA THR A 144 11.16 8.88 14.22
C THR A 144 9.76 9.45 14.03
N ARG A 145 9.50 10.08 12.88
CA ARG A 145 8.16 10.58 12.61
C ARG A 145 7.21 9.45 12.21
N ALA A 146 7.74 8.34 11.69
CA ALA A 146 6.88 7.23 11.30
C ALA A 146 6.39 6.47 12.52
N LYS A 147 7.25 6.32 13.54
CA LYS A 147 6.85 5.61 14.75
C LYS A 147 5.75 6.36 15.51
N GLY A 148 5.71 7.69 15.37
CA GLY A 148 4.68 8.49 16.01
C GLY A 148 3.37 8.44 15.26
N ILE A 149 3.45 8.40 13.93
CA ILE A 149 2.23 8.27 13.12
C ILE A 149 1.57 6.93 13.37
N ILE A 150 2.38 5.88 13.57
CA ILE A 150 1.82 4.56 13.86
C ILE A 150 1.12 4.55 15.21
N ALA A 151 1.69 5.22 16.20
CA ALA A 151 1.07 5.26 17.52
C ALA A 151 -0.23 6.05 17.50
N ILE A 152 -0.32 7.10 16.68
CA ILE A 152 -1.54 7.89 16.61
C ILE A 152 -2.61 7.21 15.78
N CYS A 153 -2.25 6.24 14.95
CA CYS A 153 -3.25 5.51 14.19
C CYS A 153 -3.91 4.42 15.02
N TRP A 154 -3.13 3.75 15.88
CA TRP A 154 -3.69 2.71 16.73
C TRP A 154 -4.68 3.28 17.73
N VAL A 155 -4.41 4.48 18.24
CA VAL A 155 -5.35 5.12 19.17
C VAL A 155 -6.67 5.42 18.46
N LEU A 156 -6.60 6.01 17.27
CA LEU A 156 -7.80 6.30 16.51
C LEU A 156 -8.47 5.05 15.97
N SER A 157 -7.75 3.92 15.91
CA SER A 157 -8.37 2.67 15.51
C SER A 157 -9.27 2.13 16.61
N PHE A 158 -8.84 2.27 17.88
CA PHE A 158 -9.71 1.88 18.99
C PHE A 158 -10.90 2.83 19.12
N ALA A 159 -10.73 4.10 18.76
CA ALA A 159 -11.84 5.04 18.81
C ALA A 159 -12.88 4.74 17.75
N ILE A 160 -12.44 4.24 16.59
CA ILE A 160 -13.37 3.97 15.50
C ILE A 160 -14.03 2.60 15.67
N GLY A 161 -13.25 1.59 16.05
CA GLY A 161 -13.79 0.24 16.15
C GLY A 161 -14.62 -0.01 17.39
N LEU A 162 -14.30 0.67 18.49
CA LEU A 162 -14.99 0.46 19.76
C LEU A 162 -15.96 1.60 20.11
N THR A 163 -16.37 2.39 19.13
CA THR A 163 -17.34 3.45 19.40
C THR A 163 -18.77 2.93 19.53
N PRO A 164 -19.12 1.70 19.14
CA PRO A 164 -20.40 1.16 19.62
C PRO A 164 -20.49 1.13 21.13
N MET A 165 -19.41 0.73 21.82
CA MET A 165 -19.41 0.70 23.27
C MET A 165 -19.68 2.07 23.89
N LEU A 166 -19.49 3.15 23.13
CA LEU A 166 -19.73 4.48 23.64
C LEU A 166 -21.20 4.84 23.75
N GLY A 167 -22.09 4.04 23.16
CA GLY A 167 -23.52 4.30 23.28
C GLY A 167 -24.32 4.08 22.02
N TRP A 168 -23.65 3.65 20.95
CA TRP A 168 -24.32 3.35 19.68
C TRP A 168 -24.59 1.84 19.62
N ASN A 169 -25.57 1.41 20.41
CA ASN A 169 -25.82 0.00 20.66
C ASN A 169 -27.29 -0.34 20.49
N ASN A 170 -27.55 -1.64 20.44
CA ASN A 170 -28.88 -2.19 20.61
C ASN A 170 -29.07 -2.80 21.99
N CYS A 171 -28.19 -2.47 22.94
CA CYS A 171 -28.32 -2.98 24.29
C CYS A 171 -29.58 -2.43 24.96
N GLY A 172 -29.89 -1.15 24.71
CA GLY A 172 -31.10 -0.57 25.27
C GLY A 172 -32.39 -1.15 24.72
N GLN A 173 -32.33 -1.75 23.54
CA GLN A 173 -33.48 -2.41 22.92
C GLN A 173 -33.20 -3.90 22.82
N PRO A 174 -33.37 -4.67 23.90
CA PRO A 174 -32.99 -6.07 23.88
C PRO A 174 -34.05 -6.95 23.22
N LYS A 175 -33.57 -8.07 22.66
CA LYS A 175 -34.45 -9.11 22.15
C LYS A 175 -34.74 -10.07 23.28
N GLU A 176 -35.72 -9.69 24.11
CA GLU A 176 -36.05 -10.48 25.31
C GLU A 176 -36.63 -11.83 24.98
N GLY A 177 -37.05 -12.07 23.74
CA GLY A 177 -37.47 -13.41 23.36
C GLY A 177 -36.31 -14.39 23.27
N LYS A 178 -35.14 -13.91 22.85
CA LYS A 178 -33.94 -14.73 22.78
C LYS A 178 -33.16 -14.75 24.08
N ASN A 179 -33.38 -13.77 24.96
CA ASN A 179 -32.70 -13.77 26.25
C ASN A 179 -33.35 -14.70 27.26
N HIS A 180 -34.68 -14.86 27.18
CA HIS A 180 -35.36 -15.79 28.07
C HIS A 180 -35.20 -17.24 27.63
N SER A 181 -35.21 -17.47 26.32
CA SER A 181 -34.97 -18.82 25.81
C SER A 181 -33.55 -19.29 26.14
N GLN A 182 -32.57 -18.41 25.90
CA GLN A 182 -31.20 -18.74 26.27
C GLN A 182 -31.04 -18.87 27.78
N GLY A 183 -31.91 -18.20 28.55
CA GLY A 183 -31.86 -18.28 29.99
C GLY A 183 -30.70 -17.52 30.58
N CYS A 184 -30.51 -16.28 30.15
CA CYS A 184 -29.42 -15.45 30.64
C CYS A 184 -29.84 -14.67 31.89
N GLY A 185 -28.86 -14.04 32.53
CA GLY A 185 -29.10 -13.32 33.76
C GLY A 185 -29.57 -11.89 33.55
N GLU A 186 -29.76 -11.21 34.67
CA GLU A 186 -30.23 -9.83 34.64
C GLU A 186 -29.15 -8.92 34.04
N GLY A 187 -29.54 -8.18 33.00
CA GLY A 187 -28.59 -7.34 32.28
C GLY A 187 -27.78 -8.07 31.23
N GLN A 188 -28.11 -9.32 30.94
CA GLN A 188 -27.40 -10.12 29.95
C GLN A 188 -28.24 -10.29 28.70
N VAL A 189 -27.57 -10.38 27.56
CA VAL A 189 -28.21 -10.57 26.26
C VAL A 189 -27.55 -11.77 25.58
N ALA A 190 -28.33 -12.48 24.77
CA ALA A 190 -27.79 -13.53 23.94
C ALA A 190 -26.75 -12.93 22.99
N CYS A 191 -25.46 -13.20 23.25
CA CYS A 191 -24.38 -12.50 22.54
C CYS A 191 -24.26 -12.93 21.09
N LEU A 192 -24.93 -12.22 20.19
CA LEU A 192 -24.77 -12.39 18.76
C LEU A 192 -24.40 -11.05 18.13
N PHE A 193 -23.74 -11.11 16.98
CA PHE A 193 -23.23 -9.90 16.35
C PHE A 193 -24.36 -8.93 16.00
N GLU A 194 -25.24 -9.34 15.09
CA GLU A 194 -26.32 -8.46 14.64
C GLU A 194 -27.40 -8.23 15.70
N ASP A 195 -27.17 -8.59 16.96
CA ASP A 195 -28.12 -8.35 18.04
C ASP A 195 -27.62 -7.36 19.08
N VAL A 196 -26.41 -6.82 18.92
CA VAL A 196 -25.84 -5.93 19.92
C VAL A 196 -25.34 -4.65 19.27
N VAL A 197 -24.91 -4.72 18.01
CA VAL A 197 -24.42 -3.57 17.26
C VAL A 197 -25.37 -3.32 16.11
N PRO A 198 -25.87 -2.11 15.91
CA PRO A 198 -26.86 -1.87 14.86
C PRO A 198 -26.25 -1.87 13.47
N MET A 199 -27.13 -1.97 12.47
CA MET A 199 -26.69 -2.05 11.09
C MET A 199 -26.41 -0.68 10.47
N ASN A 200 -27.06 0.38 10.97
CA ASN A 200 -26.73 1.71 10.49
C ASN A 200 -25.31 2.13 10.86
N TYR A 201 -24.73 1.52 11.90
CA TYR A 201 -23.32 1.72 12.20
C TYR A 201 -22.43 0.95 11.24
N MET A 202 -22.82 -0.29 10.92
CA MET A 202 -21.99 -1.14 10.06
C MET A 202 -21.98 -0.67 8.60
N VAL A 203 -23.00 0.05 8.17
CA VAL A 203 -23.13 0.47 6.78
C VAL A 203 -22.67 1.91 6.58
N TYR A 204 -23.12 2.82 7.45
CA TYR A 204 -22.78 4.22 7.28
C TYR A 204 -21.44 4.56 7.91
N PHE A 205 -21.26 4.23 9.19
CA PHE A 205 -20.02 4.61 9.87
C PHE A 205 -18.89 3.65 9.54
N ASN A 206 -19.15 2.35 9.61
CA ASN A 206 -18.07 1.37 9.44
C ASN A 206 -17.67 1.23 7.97
N PHE A 207 -18.63 0.94 7.10
CA PHE A 207 -18.28 0.65 5.71
C PHE A 207 -18.06 1.92 4.90
N PHE A 208 -19.02 2.84 4.91
CA PHE A 208 -18.95 4.00 4.03
C PHE A 208 -17.85 4.97 4.46
N ALA A 209 -17.97 5.50 5.68
CA ALA A 209 -17.07 6.58 6.09
C ALA A 209 -15.68 6.10 6.46
N CYS A 210 -15.54 4.86 6.93
CA CYS A 210 -14.28 4.40 7.49
C CYS A 210 -13.58 3.33 6.66
N VAL A 211 -14.22 2.81 5.60
CA VAL A 211 -13.61 1.76 4.80
C VAL A 211 -13.64 2.14 3.33
N LEU A 212 -14.80 2.60 2.85
CA LEU A 212 -14.94 2.86 1.43
C LEU A 212 -14.21 4.13 1.01
N VAL A 213 -14.31 5.20 1.81
CA VAL A 213 -13.60 6.44 1.47
C VAL A 213 -12.10 6.26 1.50
N PRO A 214 -11.47 5.66 2.53
CA PRO A 214 -10.02 5.44 2.45
C PRO A 214 -9.61 4.47 1.36
N LEU A 215 -10.50 3.55 0.96
CA LEU A 215 -10.18 2.66 -0.15
C LEU A 215 -10.10 3.44 -1.46
N LEU A 216 -11.00 4.41 -1.66
CA LEU A 216 -10.97 5.22 -2.87
C LEU A 216 -9.79 6.19 -2.86
N LEU A 217 -9.33 6.59 -1.68
CA LEU A 217 -8.17 7.49 -1.60
C LEU A 217 -6.90 6.77 -2.01
N MET A 218 -6.74 5.51 -1.60
CA MET A 218 -5.58 4.73 -2.02
C MET A 218 -5.58 4.50 -3.52
N LEU A 219 -6.77 4.30 -4.11
CA LEU A 219 -6.87 4.16 -5.55
C LEU A 219 -6.56 5.46 -6.26
N GLY A 220 -6.85 6.60 -5.63
CA GLY A 220 -6.48 7.87 -6.21
C GLY A 220 -5.04 8.24 -5.99
N VAL A 221 -4.45 7.79 -4.88
CA VAL A 221 -3.03 8.03 -4.65
C VAL A 221 -2.17 7.16 -5.56
N TYR A 222 -2.55 5.89 -5.72
CA TYR A 222 -1.79 5.00 -6.57
C TYR A 222 -1.88 5.41 -8.04
N LEU A 223 -3.03 5.92 -8.48
CA LEU A 223 -3.14 6.41 -9.85
C LEU A 223 -2.25 7.62 -10.08
N ARG A 224 -2.01 8.43 -9.04
CA ARG A 224 -1.08 9.54 -9.13
C ARG A 224 0.37 9.08 -9.05
N ILE A 225 0.63 7.85 -8.61
CA ILE A 225 1.98 7.33 -8.59
C ILE A 225 2.38 6.82 -9.97
N PHE A 226 1.51 6.03 -10.60
CA PHE A 226 1.78 5.55 -11.96
C PHE A 226 1.69 6.67 -12.99
N LEU A 227 0.99 7.75 -12.68
CA LEU A 227 0.93 8.88 -13.61
C LEU A 227 2.20 9.73 -13.51
N ALA A 228 2.72 9.92 -12.30
CA ALA A 228 3.95 10.68 -12.14
C ALA A 228 5.14 9.94 -12.74
N ALA A 229 5.20 8.62 -12.57
CA ALA A 229 6.28 7.85 -13.15
C ALA A 229 6.18 7.79 -14.67
N ARG A 230 4.95 7.65 -15.19
CA ARG A 230 4.76 7.61 -16.64
C ARG A 230 5.10 8.94 -17.30
N ARG A 231 4.84 10.06 -16.61
CA ARG A 231 5.23 11.35 -17.14
C ARG A 231 6.73 11.55 -17.06
N GLN A 232 7.35 11.06 -15.99
CA GLN A 232 8.79 11.24 -15.81
C GLN A 232 9.61 10.26 -16.65
N LEU A 233 9.06 9.07 -16.91
CA LEU A 233 9.74 8.17 -17.84
C LEU A 233 9.72 8.71 -19.26
N ALA A 234 8.68 9.45 -19.63
CA ALA A 234 8.61 10.05 -20.95
C ALA A 234 9.52 11.27 -21.06
N ASP A 235 9.82 11.94 -19.94
CA ASP A 235 10.66 13.13 -19.99
C ASP A 235 12.11 12.77 -20.28
N LEU A 236 12.63 11.73 -19.64
CA LEU A 236 14.03 11.35 -19.88
C LEU A 236 14.24 10.84 -21.30
N GLU A 237 13.21 10.20 -21.88
CA GLU A 237 13.32 9.78 -23.27
C GLU A 237 13.10 10.94 -24.24
N ASP A 238 12.24 11.90 -23.87
CA ASP A 238 12.08 13.09 -24.70
C ASP A 238 13.35 13.93 -24.68
N ASN A 239 14.04 13.99 -23.54
CA ASN A 239 15.32 14.70 -23.48
C ASN A 239 16.37 13.97 -24.32
N TRP A 240 16.44 12.65 -24.22
CA TRP A 240 17.39 11.89 -25.02
C TRP A 240 17.12 12.06 -26.51
N GLU A 241 15.84 12.02 -26.89
CA GLU A 241 15.48 12.26 -28.29
C GLU A 241 15.90 13.66 -28.73
N THR A 242 15.78 14.64 -27.83
CA THR A 242 16.16 16.01 -28.17
C THR A 242 17.68 16.13 -28.36
N LEU A 243 18.46 15.50 -27.48
CA LEU A 243 19.90 15.61 -27.56
C LEU A 243 20.50 14.80 -28.71
N ASN A 244 19.78 13.80 -29.21
CA ASN A 244 20.30 12.95 -30.28
C ASN A 244 19.91 13.43 -31.67
N ASP A 245 18.85 14.22 -31.81
CA ASP A 245 18.45 14.72 -33.12
C ASP A 245 18.86 16.17 -33.35
N ASN A 246 18.89 17.00 -32.31
CA ASN A 246 19.45 18.34 -32.48
C ASN A 246 20.94 18.28 -32.77
N LEU A 247 21.60 17.20 -32.33
CA LEU A 247 22.99 16.97 -32.72
C LEU A 247 23.10 16.65 -34.20
N LYS A 248 22.08 15.99 -34.76
CA LYS A 248 22.05 15.71 -36.20
C LYS A 248 21.81 16.96 -37.02
N VAL A 249 21.20 17.99 -36.43
CA VAL A 249 21.02 19.25 -37.13
C VAL A 249 22.34 20.00 -37.27
N ILE A 250 23.25 19.79 -36.33
CA ILE A 250 24.51 20.55 -36.33
C ILE A 250 25.39 20.14 -37.50
N GLU A 251 25.60 18.83 -37.68
CA GLU A 251 26.47 18.35 -38.75
C GLU A 251 25.85 18.48 -40.13
N LYS A 252 24.57 18.86 -40.22
CA LYS A 252 23.89 19.05 -41.50
C LYS A 252 23.39 20.47 -41.66
N ALA A 253 24.13 21.43 -41.10
CA ALA A 253 23.73 22.84 -41.11
C ALA A 253 24.60 23.63 -42.07
N ASP A 254 24.04 24.72 -42.59
CA ASP A 254 24.71 25.58 -43.55
C ASP A 254 24.86 27.01 -43.04
N ASN A 255 24.76 27.21 -41.73
CA ASN A 255 24.84 28.55 -41.16
C ASN A 255 25.30 28.45 -39.71
N ALA A 256 25.97 29.50 -39.25
CA ALA A 256 26.41 29.54 -37.86
C ALA A 256 25.23 29.65 -36.91
N ALA A 257 24.21 30.43 -37.29
CA ALA A 257 23.03 30.58 -36.43
C ALA A 257 22.25 29.28 -36.32
N GLN A 258 22.23 28.46 -37.38
CA GLN A 258 21.58 27.16 -37.30
C GLN A 258 22.30 26.25 -36.32
N VAL A 259 23.61 26.40 -36.19
CA VAL A 259 24.34 25.67 -35.15
C VAL A 259 24.11 26.31 -33.79
N LYS A 260 23.87 27.62 -33.75
CA LYS A 260 23.60 28.29 -32.48
C LYS A 260 22.24 27.91 -31.92
N ASP A 261 21.25 27.73 -32.81
CA ASP A 261 19.91 27.38 -32.35
C ASP A 261 19.88 25.96 -31.78
N ALA A 262 20.55 25.01 -32.44
CA ALA A 262 20.55 23.63 -31.95
C ALA A 262 21.31 23.49 -30.64
N LEU A 263 22.26 24.40 -30.37
CA LEU A 263 23.03 24.30 -29.14
C LEU A 263 22.28 24.88 -27.94
N THR A 264 21.53 25.96 -28.16
CA THR A 264 20.74 26.51 -27.06
C THR A 264 19.69 25.53 -26.57
N LYS A 265 19.15 24.70 -27.48
CA LYS A 265 18.20 23.67 -27.05
C LYS A 265 18.91 22.51 -26.36
N MET A 266 20.04 22.07 -26.91
CA MET A 266 20.81 21.00 -26.29
C MET A 266 21.38 21.41 -24.94
N ARG A 267 21.60 22.70 -24.71
CA ARG A 267 22.08 23.15 -23.40
C ARG A 267 20.97 23.17 -22.37
N ALA A 268 19.77 23.59 -22.78
CA ALA A 268 18.64 23.61 -21.86
C ALA A 268 18.12 22.20 -21.59
N ALA A 269 18.12 21.33 -22.60
CA ALA A 269 17.66 19.96 -22.41
C ALA A 269 18.62 19.17 -21.55
N ALA A 270 19.92 19.40 -21.71
CA ALA A 270 20.91 18.69 -20.88
C ALA A 270 20.87 19.19 -19.44
N LEU A 271 20.81 20.51 -19.25
CA LEU A 271 20.73 21.05 -17.89
C LEU A 271 19.45 20.63 -17.19
N ASP A 272 18.37 20.44 -17.94
CA ASP A 272 17.15 19.90 -17.36
C ASP A 272 17.19 18.38 -17.25
N ALA A 273 18.05 17.72 -18.03
CA ALA A 273 18.34 16.31 -17.77
C ALA A 273 19.20 16.14 -16.53
N GLN A 274 19.96 17.17 -16.16
CA GLN A 274 20.71 17.15 -14.92
C GLN A 274 19.82 17.44 -13.72
N LYS A 275 18.82 18.31 -13.89
CA LYS A 275 17.91 18.70 -12.82
C LYS A 275 18.65 19.27 -11.62
N MET A 291 27.83 13.59 -7.64
CA MET A 291 27.59 12.15 -7.53
C MET A 291 28.74 11.36 -8.15
N LYS A 292 28.53 10.06 -8.33
CA LYS A 292 29.54 9.18 -8.93
C LYS A 292 29.45 9.30 -10.43
N ASP A 293 30.36 10.09 -11.02
CA ASP A 293 30.48 10.33 -12.46
C ASP A 293 29.24 10.99 -13.05
N PHE A 294 28.17 11.14 -12.25
CA PHE A 294 26.98 11.81 -12.74
C PHE A 294 27.19 13.31 -12.87
N ARG A 295 27.72 13.94 -11.83
CA ARG A 295 27.96 15.37 -11.83
C ARG A 295 29.22 15.76 -12.60
N HIS A 296 29.97 14.80 -13.12
CA HIS A 296 31.18 15.07 -13.87
C HIS A 296 30.97 14.93 -15.38
N GLY A 297 30.36 13.81 -15.81
CA GLY A 297 30.11 13.63 -17.23
C GLY A 297 29.13 14.65 -17.78
N PHE A 298 28.07 14.95 -17.02
CA PHE A 298 27.16 16.01 -17.43
C PHE A 298 27.84 17.37 -17.44
N ASP A 299 28.85 17.57 -16.59
CA ASP A 299 29.61 18.81 -16.62
C ASP A 299 30.50 18.89 -17.86
N ILE A 300 30.97 17.75 -18.36
CA ILE A 300 31.70 17.73 -19.62
C ILE A 300 30.76 18.08 -20.77
N LEU A 301 29.49 17.70 -20.67
CA LEU A 301 28.54 17.97 -21.74
C LEU A 301 28.30 19.47 -21.88
N VAL A 302 28.03 20.15 -20.76
CA VAL A 302 27.78 21.58 -20.80
C VAL A 302 29.04 22.34 -21.19
N GLY A 303 30.21 21.81 -20.85
CA GLY A 303 31.44 22.47 -21.25
C GLY A 303 31.65 22.45 -22.75
N GLN A 304 31.52 21.26 -23.36
CA GLN A 304 31.67 21.16 -24.81
C GLN A 304 30.58 21.92 -25.55
N ILE A 305 29.37 21.98 -24.98
CA ILE A 305 28.30 22.73 -25.61
C ILE A 305 28.59 24.22 -25.59
N ASP A 306 28.95 24.76 -24.41
CA ASP A 306 29.25 26.18 -24.30
C ASP A 306 30.53 26.55 -25.05
N ASP A 307 31.44 25.59 -25.24
CA ASP A 307 32.64 25.87 -26.03
C ASP A 307 32.31 25.93 -27.53
N ALA A 308 31.34 25.13 -27.97
CA ALA A 308 30.88 25.20 -29.35
C ALA A 308 29.91 26.36 -29.57
N LEU A 309 29.33 26.90 -28.50
CA LEU A 309 28.46 28.07 -28.64
C LEU A 309 29.26 29.33 -28.93
N LYS A 310 30.48 29.44 -28.39
CA LYS A 310 31.32 30.59 -28.66
C LYS A 310 31.87 30.57 -30.09
N LEU A 311 32.01 29.38 -30.67
CA LEU A 311 32.48 29.28 -32.05
C LEU A 311 31.37 29.68 -33.03
N ALA A 312 30.15 29.18 -32.80
CA ALA A 312 29.05 29.50 -33.71
C ALA A 312 28.67 30.98 -33.63
N ASN A 313 28.70 31.56 -32.43
CA ASN A 313 28.41 32.97 -32.27
C ASN A 313 29.54 33.87 -32.76
N GLU A 314 30.72 33.31 -33.03
CA GLU A 314 31.84 34.10 -33.54
C GLU A 314 31.92 34.08 -35.05
N GLY A 315 31.52 32.99 -35.70
CA GLY A 315 31.50 32.93 -37.14
C GLY A 315 32.13 31.68 -37.72
N LYS A 316 32.82 30.90 -36.89
CA LYS A 316 33.48 29.68 -37.34
C LYS A 316 32.47 28.54 -37.32
N VAL A 317 31.88 28.25 -38.47
CA VAL A 317 30.89 27.18 -38.56
C VAL A 317 31.55 25.81 -38.52
N LYS A 318 32.57 25.61 -39.35
CA LYS A 318 33.20 24.29 -39.43
C LYS A 318 33.91 23.92 -38.14
N GLU A 319 34.35 24.93 -37.37
CA GLU A 319 34.97 24.64 -36.07
C GLU A 319 33.94 24.30 -35.00
N ALA A 320 32.74 24.90 -35.09
CA ALA A 320 31.68 24.57 -34.14
C ALA A 320 31.06 23.22 -34.44
N GLN A 321 30.94 22.86 -35.72
CA GLN A 321 30.41 21.54 -36.07
C GLN A 321 31.38 20.44 -35.67
N ALA A 322 32.68 20.75 -35.59
CA ALA A 322 33.65 19.77 -35.13
C ALA A 322 33.68 19.67 -33.60
N ALA A 323 33.36 20.76 -32.91
CA ALA A 323 33.27 20.73 -31.45
C ALA A 323 32.01 20.02 -30.96
N ALA A 324 30.98 19.92 -31.79
CA ALA A 324 29.78 19.18 -31.43
C ALA A 324 29.96 17.68 -31.54
N GLU A 325 30.90 17.22 -32.38
CA GLU A 325 31.18 15.79 -32.48
C GLU A 325 31.89 15.26 -31.24
N GLN A 326 32.50 16.15 -30.45
CA GLN A 326 33.07 15.74 -29.17
C GLN A 326 32.00 15.37 -28.16
N LEU A 327 30.76 15.85 -28.35
CA LEU A 327 29.66 15.45 -27.49
C LEU A 327 29.24 14.00 -27.71
N LYS A 328 29.52 13.43 -28.89
CA LYS A 328 29.08 12.07 -29.16
C LYS A 328 29.79 11.07 -28.24
N THR A 329 31.07 11.29 -27.95
CA THR A 329 31.78 10.40 -27.05
C THR A 329 31.20 10.44 -25.64
N THR A 330 30.98 11.66 -25.12
CA THR A 330 30.38 11.79 -23.80
C THR A 330 28.94 11.27 -23.79
N ARG A 331 28.24 11.38 -24.92
CA ARG A 331 26.88 10.86 -25.01
C ARG A 331 26.84 9.35 -24.97
N ASN A 332 27.94 8.67 -25.33
CA ASN A 332 28.00 7.22 -25.34
C ASN A 332 28.72 6.65 -24.13
N ALA A 333 29.27 7.50 -23.26
CA ALA A 333 30.06 7.04 -22.11
C ALA A 333 29.44 7.43 -20.78
N TYR A 334 28.88 8.63 -20.66
CA TYR A 334 28.33 9.11 -19.40
C TYR A 334 26.83 9.33 -19.44
N ILE A 335 26.31 9.93 -20.51
CA ILE A 335 24.89 10.23 -20.58
C ILE A 335 24.07 8.97 -20.87
N GLN A 336 24.61 8.06 -21.69
CA GLN A 336 23.93 6.80 -21.93
C GLN A 336 23.84 5.95 -20.68
N LYS A 337 24.81 6.07 -19.77
CA LYS A 337 24.80 5.32 -18.53
C LYS A 337 24.08 6.03 -17.39
N TYR A 338 23.74 7.31 -17.54
CA TYR A 338 22.87 7.96 -16.56
C TYR A 338 21.41 7.62 -16.84
N LEU A 339 20.97 7.81 -18.10
CA LEU A 339 19.60 7.49 -18.45
C LEU A 339 19.30 6.00 -18.32
N GLU A 340 20.31 5.16 -18.50
CA GLU A 340 20.10 3.72 -18.33
C GLU A 340 19.71 3.39 -16.89
N ARG A 341 20.34 4.06 -15.92
CA ARG A 341 20.02 3.79 -14.52
C ARG A 341 18.77 4.54 -14.06
N ALA A 342 18.51 5.72 -14.62
CA ALA A 342 17.31 6.46 -14.25
C ALA A 342 16.05 5.73 -14.70
N ARG A 343 16.08 5.15 -15.90
CA ARG A 343 14.96 4.33 -16.36
C ARG A 343 14.91 2.97 -15.68
N SER A 344 15.99 2.58 -14.97
CA SER A 344 15.98 1.33 -14.21
C SER A 344 15.45 1.54 -12.80
N THR A 345 15.83 2.65 -12.15
CA THR A 345 15.31 2.92 -10.81
C THR A 345 13.86 3.38 -10.86
N LEU A 346 13.45 4.04 -11.94
CA LEU A 346 12.06 4.48 -12.05
C LEU A 346 11.13 3.34 -12.43
N GLN A 347 11.63 2.31 -13.10
CA GLN A 347 10.78 1.17 -13.45
C GLN A 347 10.62 0.20 -12.28
N LYS A 348 11.60 0.16 -11.37
CA LYS A 348 11.46 -0.69 -10.20
C LYS A 348 10.46 -0.10 -9.20
N GLU A 349 10.39 1.24 -9.13
CA GLU A 349 9.33 1.86 -8.35
C GLU A 349 7.96 1.60 -8.95
N VAL A 350 7.89 1.31 -10.26
CA VAL A 350 6.63 0.87 -10.85
C VAL A 350 6.35 -0.58 -10.47
N HIS A 351 7.38 -1.42 -10.44
CA HIS A 351 7.20 -2.81 -10.03
C HIS A 351 6.85 -2.90 -8.54
N ALA A 352 7.48 -2.08 -7.71
CA ALA A 352 7.25 -2.19 -6.27
C ALA A 352 5.90 -1.60 -5.89
N ALA A 353 5.48 -0.53 -6.56
CA ALA A 353 4.17 0.05 -6.28
C ALA A 353 3.04 -0.84 -6.75
N LYS A 354 3.27 -1.64 -7.81
CA LYS A 354 2.26 -2.60 -8.23
C LYS A 354 2.08 -3.72 -7.22
N SER A 355 3.15 -4.12 -6.55
CA SER A 355 3.05 -5.17 -5.53
C SER A 355 2.22 -4.70 -4.35
N LEU A 356 2.48 -3.48 -3.86
CA LEU A 356 1.72 -2.96 -2.72
C LEU A 356 0.29 -2.65 -3.11
N ALA A 357 0.04 -2.39 -4.41
CA ALA A 357 -1.32 -2.13 -4.85
C ALA A 357 -2.17 -3.39 -4.85
N ILE A 358 -1.56 -4.55 -5.10
CA ILE A 358 -2.29 -5.82 -5.04
C ILE A 358 -2.77 -6.08 -3.61
N ILE A 359 -2.02 -5.60 -2.61
CA ILE A 359 -2.46 -5.76 -1.22
C ILE A 359 -3.74 -4.98 -0.97
N VAL A 360 -3.87 -3.80 -1.57
CA VAL A 360 -5.11 -3.03 -1.45
C VAL A 360 -6.24 -3.74 -2.21
N GLY A 361 -5.91 -4.39 -3.33
CA GLY A 361 -6.94 -5.09 -4.08
C GLY A 361 -7.40 -6.37 -3.40
N LEU A 362 -6.51 -7.03 -2.65
CA LEU A 362 -6.89 -8.25 -1.95
C LEU A 362 -7.56 -7.95 -0.61
N PHE A 363 -7.27 -6.79 -0.01
CA PHE A 363 -7.98 -6.38 1.19
C PHE A 363 -9.44 -6.08 0.88
N ALA A 364 -9.72 -5.51 -0.30
CA ALA A 364 -11.09 -5.19 -0.67
C ALA A 364 -11.85 -6.43 -1.12
N LEU A 365 -11.22 -7.29 -1.93
CA LEU A 365 -11.88 -8.50 -2.41
C LEU A 365 -12.22 -9.46 -1.28
N CYS A 366 -11.58 -9.33 -0.12
CA CYS A 366 -11.86 -10.18 1.03
C CYS A 366 -12.81 -9.55 2.05
N TRP A 367 -12.94 -8.22 2.06
CA TRP A 367 -13.78 -7.55 3.03
C TRP A 367 -15.05 -6.93 2.45
N LEU A 368 -15.08 -6.66 1.14
CA LEU A 368 -16.29 -6.12 0.51
C LEU A 368 -17.42 -7.14 0.47
N PRO A 369 -17.17 -8.42 0.18
CA PRO A 369 -18.28 -9.39 0.23
C PRO A 369 -19.02 -9.42 1.55
N LEU A 370 -18.31 -9.22 2.67
CA LEU A 370 -18.98 -9.17 3.96
C LEU A 370 -19.73 -7.85 4.14
N HIS A 371 -19.17 -6.75 3.61
CA HIS A 371 -19.84 -5.46 3.73
C HIS A 371 -21.04 -5.35 2.81
N ILE A 372 -21.01 -6.02 1.66
CA ILE A 372 -22.13 -5.93 0.73
C ILE A 372 -23.34 -6.65 1.29
N ILE A 373 -23.14 -7.79 1.94
CA ILE A 373 -24.25 -8.50 2.59
C ILE A 373 -24.87 -7.61 3.66
N ASN A 374 -24.04 -6.81 4.35
CA ASN A 374 -24.57 -5.89 5.36
C ASN A 374 -25.49 -4.85 4.72
N CYS A 375 -25.11 -4.33 3.55
CA CYS A 375 -25.94 -3.32 2.90
C CYS A 375 -27.27 -3.89 2.43
N PHE A 376 -27.29 -5.15 2.01
CA PHE A 376 -28.55 -5.79 1.63
C PHE A 376 -29.48 -5.92 2.83
N THR A 377 -28.92 -6.22 4.00
CA THR A 377 -29.73 -6.37 5.20
C THR A 377 -30.29 -5.03 5.68
N PHE A 378 -29.55 -3.94 5.46
CA PHE A 378 -29.96 -2.64 5.96
C PHE A 378 -30.77 -1.84 4.95
N PHE A 379 -30.42 -1.92 3.66
CA PHE A 379 -31.09 -1.10 2.64
C PHE A 379 -32.32 -1.77 2.05
N CYS A 380 -32.46 -3.09 2.17
CA CYS A 380 -33.63 -3.81 1.66
C CYS A 380 -34.25 -4.63 2.78
N PRO A 381 -35.21 -4.06 3.50
CA PRO A 381 -35.95 -4.86 4.49
C PRO A 381 -36.89 -5.88 3.87
N ASP A 382 -37.30 -5.68 2.62
CA ASP A 382 -38.17 -6.66 1.96
C ASP A 382 -37.38 -7.87 1.48
N CYS A 383 -36.07 -7.74 1.29
CA CYS A 383 -35.24 -8.88 0.94
C CYS A 383 -35.05 -9.78 2.17
N SER A 384 -34.97 -11.08 1.92
CA SER A 384 -34.66 -12.03 2.98
C SER A 384 -33.19 -11.95 3.34
N HIS A 385 -32.89 -12.27 4.59
CA HIS A 385 -31.50 -12.26 5.06
C HIS A 385 -30.69 -13.30 4.30
N ALA A 386 -29.39 -13.04 4.19
CA ALA A 386 -28.49 -14.00 3.58
C ALA A 386 -28.45 -15.29 4.39
N PRO A 387 -28.27 -16.43 3.74
CA PRO A 387 -28.19 -17.70 4.49
C PRO A 387 -26.96 -17.74 5.37
N LEU A 388 -27.07 -18.53 6.46
CA LEU A 388 -25.99 -18.59 7.43
C LEU A 388 -24.71 -19.17 6.84
N TRP A 389 -24.83 -20.11 5.89
CA TRP A 389 -23.63 -20.64 5.27
C TRP A 389 -22.90 -19.60 4.45
N LEU A 390 -23.63 -18.62 3.90
CA LEU A 390 -22.98 -17.50 3.22
C LEU A 390 -22.47 -16.46 4.22
N MET A 391 -23.16 -16.31 5.36
CA MET A 391 -22.69 -15.36 6.37
C MET A 391 -21.32 -15.74 6.89
N TYR A 392 -21.17 -16.99 7.35
CA TYR A 392 -19.88 -17.43 7.86
C TYR A 392 -18.87 -17.67 6.74
N LEU A 393 -19.32 -17.77 5.49
CA LEU A 393 -18.39 -17.78 4.37
C LEU A 393 -17.75 -16.41 4.18
N ALA A 394 -18.52 -15.34 4.43
CA ALA A 394 -17.96 -13.99 4.34
C ALA A 394 -17.09 -13.66 5.54
N ILE A 395 -17.36 -14.27 6.70
CA ILE A 395 -16.53 -14.04 7.87
C ILE A 395 -15.19 -14.78 7.74
N VAL A 396 -15.23 -16.01 7.23
CA VAL A 396 -14.00 -16.76 7.03
C VAL A 396 -13.14 -16.13 5.94
N LEU A 397 -13.77 -15.67 4.85
CA LEU A 397 -13.02 -15.05 3.76
C LEU A 397 -12.33 -13.78 4.22
N SER A 398 -13.02 -12.97 5.04
CA SER A 398 -12.39 -11.76 5.56
C SER A 398 -11.26 -12.07 6.53
N HIS A 399 -11.24 -13.28 7.10
CA HIS A 399 -10.13 -13.67 7.97
C HIS A 399 -8.95 -14.21 7.19
N THR A 400 -9.20 -14.74 5.98
CA THR A 400 -8.10 -15.20 5.13
C THR A 400 -7.24 -14.05 4.62
N ASN A 401 -7.62 -12.81 4.89
CA ASN A 401 -6.81 -11.66 4.50
C ASN A 401 -5.56 -11.53 5.35
N SER A 402 -5.51 -12.18 6.50
CA SER A 402 -4.33 -12.14 7.36
C SER A 402 -3.22 -13.07 6.90
N VAL A 403 -3.42 -13.80 5.81
CA VAL A 403 -2.42 -14.73 5.30
C VAL A 403 -1.90 -14.30 3.92
N VAL A 404 -2.67 -13.53 3.15
CA VAL A 404 -2.26 -13.21 1.78
C VAL A 404 -1.07 -12.25 1.77
N ASN A 405 -0.94 -11.39 2.79
CA ASN A 405 0.09 -10.35 2.74
C ASN A 405 1.51 -10.93 2.75
N PRO A 406 1.88 -11.86 3.64
CA PRO A 406 3.25 -12.41 3.58
C PRO A 406 3.53 -13.20 2.31
N PHE A 407 2.50 -13.63 1.56
CA PHE A 407 2.74 -14.30 0.30
C PHE A 407 3.04 -13.31 -0.82
N ILE A 408 2.45 -12.12 -0.77
CA ILE A 408 2.76 -11.09 -1.76
C ILE A 408 4.21 -10.63 -1.62
N TYR A 409 4.71 -10.56 -0.38
CA TYR A 409 6.09 -10.15 -0.15
C TYR A 409 7.06 -11.19 -0.70
N ALA A 410 6.77 -12.47 -0.51
CA ALA A 410 7.68 -13.53 -0.94
C ALA A 410 7.62 -13.79 -2.44
N TYR A 411 6.55 -13.35 -3.11
CA TYR A 411 6.42 -13.57 -4.55
C TYR A 411 6.81 -12.35 -5.38
N ARG A 412 6.65 -11.14 -4.84
CA ARG A 412 6.86 -9.92 -5.62
C ARG A 412 7.93 -9.00 -5.06
N ILE A 413 8.64 -9.40 -3.99
CA ILE A 413 9.74 -8.64 -3.45
C ILE A 413 10.91 -9.59 -3.25
N ARG A 414 12.00 -9.35 -3.98
CA ARG A 414 13.15 -10.25 -3.91
C ARG A 414 13.82 -10.21 -2.55
N GLU A 415 13.83 -9.05 -1.89
CA GLU A 415 14.49 -8.96 -0.60
C GLU A 415 13.78 -9.80 0.46
N PHE A 416 12.44 -9.76 0.49
CA PHE A 416 11.71 -10.58 1.44
C PHE A 416 11.82 -12.06 1.10
N ARG A 417 11.81 -12.40 -0.20
CA ARG A 417 11.90 -13.80 -0.60
C ARG A 417 13.24 -14.41 -0.20
N GLN A 418 14.30 -13.60 -0.15
CA GLN A 418 15.61 -14.14 0.19
C GLN A 418 15.82 -14.20 1.70
N THR A 419 15.32 -13.20 2.43
CA THR A 419 15.42 -13.25 3.89
C THR A 419 14.61 -14.42 4.45
N PHE A 420 13.44 -14.68 3.88
CA PHE A 420 12.64 -15.82 4.33
C PHE A 420 13.37 -17.13 4.11
N ARG A 421 13.91 -17.32 2.90
CA ARG A 421 14.71 -18.52 2.63
C ARG A 421 15.94 -18.59 3.53
N LYS A 422 16.51 -17.43 3.87
CA LYS A 422 17.63 -17.41 4.80
C LYS A 422 17.21 -17.86 6.20
N ILE A 423 15.99 -17.50 6.61
CA ILE A 423 15.52 -17.87 7.95
C ILE A 423 15.13 -19.34 7.99
N ILE A 424 14.43 -19.83 6.97
CA ILE A 424 13.89 -21.18 7.01
C ILE A 424 15.01 -22.21 6.93
N ARG A 425 16.03 -21.96 6.11
CA ARG A 425 17.12 -22.93 5.96
C ARG A 425 18.02 -22.91 7.19
N SER A 426 18.33 -21.72 7.73
CA SER A 426 19.22 -21.64 8.87
C SER A 426 18.54 -22.13 10.15
N HIS A 427 17.37 -21.57 10.47
CA HIS A 427 16.64 -21.94 11.69
C HIS A 427 15.88 -23.26 11.49
N VAL A 428 16.65 -24.32 11.27
CA VAL A 428 16.09 -25.65 11.07
C VAL A 428 17.14 -26.71 11.35
#